data_3PR6
#
_entry.id   3PR6
#
_cell.length_a   57.130
_cell.length_b   58.492
_cell.length_c   53.969
_cell.angle_alpha   90.000
_cell.angle_beta   92.620
_cell.angle_gamma   90.000
#
_symmetry.space_group_name_H-M   'C 1 2 1'
#
loop_
_entity.id
_entity.type
_entity.pdbx_description
1 polymer 'TRAPP-associated protein TCA17'
2 non-polymer 'CHLORIDE ION'
3 non-polymer GLYCEROL
4 water water
#
_entity_poly.entity_id   1
_entity_poly.type   'polypeptide(L)'
_entity_poly.pdbx_seq_one_letter_code
;GPLGS(MSE)SLRP(CSO)FVSLIDESDKPILIYVPNEAENE(MSE)NDVLKYNVLSNISLDYFESALVEWHSLDSKPLL
KSIFQLEGVSVFA(MSE)LIKQTGLKIVIGFEQKSLSGADDEFEAINQIFETVRKIYIRVKCNPLLVSGDEKSIIKSLER
KFDELFISTEVELLAAAS
;
_entity_poly.pdbx_strand_id   A
#
loop_
_chem_comp.id
_chem_comp.type
_chem_comp.name
_chem_comp.formula
CL non-polymer 'CHLORIDE ION' 'Cl -1'
GOL non-polymer GLYCEROL 'C3 H8 O3'
#
# COMPACT_ATOMS: atom_id res chain seq x y z
N LEU A 8 -4.64 1.17 13.15
CA LEU A 8 -4.65 1.11 11.67
C LEU A 8 -3.43 0.36 11.15
N ARG A 9 -3.20 -0.82 11.71
CA ARG A 9 -2.12 -1.68 11.24
C ARG A 9 -2.57 -2.34 9.93
N PRO A 10 -1.82 -2.12 8.82
CA PRO A 10 -2.25 -2.80 7.59
C PRO A 10 -2.13 -4.33 7.67
N CSO A 11 -3.04 -5.00 6.97
CA CSO A 11 -2.96 -6.44 6.70
CB CSO A 11 -4.31 -6.94 6.15
SG CSO A 11 -5.66 -6.75 7.31
C CSO A 11 -1.86 -6.72 5.70
O CSO A 11 -1.10 -7.68 5.86
OD CSO A 11 -5.05 -7.09 8.89
N PHE A 12 -1.77 -5.88 4.66
CA PHE A 12 -0.74 -6.00 3.64
C PHE A 12 -0.56 -4.67 2.93
N VAL A 13 0.64 -4.50 2.36
CA VAL A 13 0.99 -3.33 1.55
C VAL A 13 1.61 -3.84 0.25
N SER A 14 1.04 -3.45 -0.89
CA SER A 14 1.58 -3.80 -2.17
C SER A 14 1.95 -2.57 -2.97
N LEU A 15 3.14 -2.61 -3.56
CA LEU A 15 3.57 -1.58 -4.51
C LEU A 15 3.71 -2.22 -5.88
N ILE A 16 3.18 -1.55 -6.89
CA ILE A 16 3.24 -2.03 -8.28
C ILE A 16 3.69 -0.89 -9.16
N ASP A 17 4.58 -1.19 -10.10
CA ASP A 17 5.19 -0.13 -10.88
C ASP A 17 4.33 0.25 -12.08
N GLU A 18 4.80 1.27 -12.79
CA GLU A 18 4.10 1.88 -13.92
C GLU A 18 3.84 0.89 -15.05
N SER A 19 4.71 -0.11 -15.20
CA SER A 19 4.51 -1.17 -16.18
C SER A 19 3.66 -2.35 -15.65
N ASP A 20 3.06 -2.18 -14.46
CA ASP A 20 2.19 -3.20 -13.81
C ASP A 20 2.92 -4.41 -13.23
N LYS A 21 4.25 -4.30 -13.11
CA LYS A 21 5.06 -5.30 -12.44
C LYS A 21 5.10 -5.05 -10.93
N PRO A 22 4.75 -6.07 -10.12
CA PRO A 22 4.82 -5.85 -8.68
C PRO A 22 6.22 -5.49 -8.22
N ILE A 23 6.32 -4.53 -7.30
CA ILE A 23 7.57 -4.17 -6.66
C ILE A 23 7.75 -5.08 -5.43
N LEU A 24 6.76 -5.07 -4.54
CA LEU A 24 6.66 -6.04 -3.47
C LEU A 24 5.25 -6.16 -2.95
N ILE A 25 4.96 -7.33 -2.37
CA ILE A 25 3.76 -7.53 -1.56
C ILE A 25 4.25 -7.80 -0.15
N TYR A 26 3.99 -6.86 0.73
CA TYR A 26 4.47 -6.92 2.10
C TYR A 26 3.36 -7.29 3.08
N VAL A 27 3.63 -8.28 3.92
CA VAL A 27 2.71 -8.73 4.97
C VAL A 27 3.42 -8.66 6.33
N PRO A 28 3.01 -7.72 7.21
CA PRO A 28 3.79 -7.39 8.42
C PRO A 28 3.96 -8.48 9.49
N ASN A 29 2.89 -9.21 9.83
CA ASN A 29 2.94 -10.22 10.92
C ASN A 29 3.42 -9.67 12.27
N ASP A 37 -2.44 -17.26 3.66
CA ASP A 37 -2.21 -15.89 4.09
C ASP A 37 -1.42 -15.14 3.03
N VAL A 38 -0.23 -15.64 2.69
CA VAL A 38 0.54 -15.10 1.58
C VAL A 38 -0.26 -15.32 0.28
N LEU A 39 -0.96 -16.44 0.21
CA LEU A 39 -1.91 -16.70 -0.89
C LEU A 39 -3.05 -15.68 -0.89
N LYS A 40 -3.63 -15.43 0.28
CA LYS A 40 -4.76 -14.49 0.40
C LYS A 40 -4.40 -13.12 -0.18
N TYR A 41 -3.27 -12.57 0.27
CA TYR A 41 -2.89 -11.20 -0.08
C TYR A 41 -2.33 -11.09 -1.49
N ASN A 42 -1.74 -12.16 -2.00
CA ASN A 42 -1.45 -12.20 -3.42
C ASN A 42 -2.75 -12.12 -4.25
N VAL A 43 -3.77 -12.85 -3.82
CA VAL A 43 -5.07 -12.78 -4.50
C VAL A 43 -5.67 -11.37 -4.38
N LEU A 44 -5.69 -10.81 -3.18
CA LEU A 44 -6.19 -9.45 -3.01
C LEU A 44 -5.42 -8.44 -3.86
N SER A 45 -4.09 -8.61 -3.92
CA SER A 45 -3.27 -7.73 -4.76
CA SER A 45 -3.26 -7.74 -4.75
C SER A 45 -3.60 -7.86 -6.23
N ASN A 46 -3.81 -9.10 -6.69
CA ASN A 46 -4.19 -9.34 -8.09
C ASN A 46 -5.54 -8.73 -8.44
N ILE A 47 -6.50 -8.86 -7.52
CA ILE A 47 -7.83 -8.25 -7.70
C ILE A 47 -7.68 -6.75 -7.83
N SER A 48 -6.82 -6.16 -7.00
CA SER A 48 -6.60 -4.72 -7.03
CA SER A 48 -6.61 -4.73 -7.03
C SER A 48 -6.06 -4.29 -8.38
N LEU A 49 -5.15 -5.08 -8.97
CA LEU A 49 -4.61 -4.74 -10.28
CA LEU A 49 -4.59 -4.77 -10.28
C LEU A 49 -5.71 -4.69 -11.33
N ASP A 50 -6.76 -5.49 -11.15
CA ASP A 50 -7.89 -5.44 -12.07
C ASP A 50 -8.62 -4.11 -12.01
N TYR A 51 -8.67 -3.47 -10.83
CA TYR A 51 -9.24 -2.15 -10.72
C TYR A 51 -8.38 -1.14 -11.44
N PHE A 52 -7.05 -1.25 -11.33
CA PHE A 52 -6.17 -0.31 -12.05
C PHE A 52 -6.34 -0.44 -13.57
N GLU A 53 -6.69 -1.63 -14.07
CA GLU A 53 -6.84 -1.84 -15.51
C GLU A 53 -8.25 -1.54 -16.04
N SER A 54 -9.20 -1.35 -15.14
CA SER A 54 -10.59 -1.17 -15.51
C SER A 54 -10.78 0.12 -16.31
N ALA A 55 -11.62 0.05 -17.35
CA ALA A 55 -12.08 1.24 -18.07
C ALA A 55 -13.05 2.13 -17.27
N LEU A 56 -13.61 1.62 -16.18
CA LEU A 56 -14.69 2.30 -15.43
C LEU A 56 -14.27 2.80 -14.05
N VAL A 57 -12.99 3.02 -13.84
CA VAL A 57 -12.53 3.51 -12.56
C VAL A 57 -11.86 4.83 -12.83
N GLU A 58 -12.24 5.85 -12.07
CA GLU A 58 -11.56 7.14 -12.07
C GLU A 58 -10.59 7.16 -10.91
N TRP A 59 -9.30 7.25 -11.22
CA TRP A 59 -8.27 7.22 -10.20
C TRP A 59 -7.88 8.58 -9.65
N HIS A 60 -8.34 9.67 -10.28
CA HIS A 60 -7.86 10.98 -9.84
C HIS A 60 -8.96 11.93 -9.45
N SER A 61 -8.60 12.88 -8.61
CA SER A 61 -9.51 13.96 -8.24
C SER A 61 -9.47 15.05 -9.30
N LEU A 62 -10.34 16.04 -9.15
CA LEU A 62 -10.31 17.19 -10.03
C LEU A 62 -9.02 17.92 -9.85
N ASP A 63 -8.62 18.11 -8.61
CA ASP A 63 -7.35 18.74 -8.31
C ASP A 63 -6.24 17.69 -8.18
N SER A 64 -5.01 18.17 -8.10
CA SER A 64 -3.82 17.34 -8.25
CA SER A 64 -3.82 17.34 -8.25
C SER A 64 -3.46 16.45 -7.06
N LYS A 65 -4.12 16.63 -5.91
CA LYS A 65 -3.81 15.80 -4.73
C LYS A 65 -4.12 14.32 -5.02
N PRO A 66 -3.16 13.38 -4.75
CA PRO A 66 -3.48 11.99 -5.07
C PRO A 66 -4.71 11.51 -4.30
N LEU A 67 -5.54 10.73 -4.98
CA LEU A 67 -6.83 10.32 -4.44
C LEU A 67 -6.77 8.94 -3.81
N LEU A 68 -7.15 8.87 -2.54
CA LEU A 68 -7.33 7.62 -1.85
C LEU A 68 -8.65 7.00 -2.28
N LYS A 69 -8.63 5.74 -2.69
CA LYS A 69 -9.84 5.01 -3.09
C LYS A 69 -10.05 3.79 -2.20
N SER A 70 -11.32 3.54 -1.87
CA SER A 70 -11.73 2.32 -1.19
C SER A 70 -12.29 1.45 -2.30
N ILE A 71 -11.51 0.50 -2.79
CA ILE A 71 -11.91 -0.22 -3.99
C ILE A 71 -12.81 -1.45 -3.75
N PHE A 72 -12.54 -2.22 -2.71
CA PHE A 72 -13.36 -3.40 -2.43
C PHE A 72 -13.05 -3.93 -1.03
N GLN A 73 -13.96 -4.78 -0.56
CA GLN A 73 -13.77 -5.48 0.69
C GLN A 73 -14.00 -6.96 0.40
N LEU A 74 -13.13 -7.80 0.96
CA LEU A 74 -13.20 -9.27 0.80
C LEU A 74 -12.61 -9.98 2.00
N GLU A 75 -13.36 -10.93 2.55
CA GLU A 75 -12.92 -11.77 3.68
C GLU A 75 -12.31 -10.97 4.83
N GLY A 76 -13.06 -9.98 5.28
CA GLY A 76 -12.69 -9.17 6.42
C GLY A 76 -11.56 -8.18 6.18
N VAL A 77 -11.15 -8.01 4.92
CA VAL A 77 -10.08 -7.06 4.59
C VAL A 77 -10.66 -5.98 3.70
N SER A 78 -10.57 -4.73 4.15
CA SER A 78 -11.02 -3.60 3.39
C SER A 78 -9.82 -3.08 2.63
N VAL A 79 -9.92 -3.06 1.30
CA VAL A 79 -8.78 -2.73 0.45
C VAL A 79 -8.88 -1.32 -0.13
N PHE A 80 -7.81 -0.58 0.09
CA PHE A 80 -7.67 0.77 -0.41
C PHE A 80 -6.53 0.83 -1.40
N ALA A 81 -6.60 1.79 -2.33
CA ALA A 81 -5.61 1.91 -3.39
C ALA A 81 -5.45 3.33 -3.86
N MSE A 82 -4.31 3.61 -4.48
CA MSE A 82 -4.01 4.92 -5.02
C MSE A 82 -3.09 4.78 -6.23
O MSE A 82 -2.15 3.94 -6.23
CB MSE A 82 -3.36 5.78 -3.91
CG MSE A 82 -2.90 7.14 -4.30
SE MSE A 82 -2.06 7.95 -2.69
CE MSE A 82 -3.57 8.13 -1.49
N LEU A 83 -3.32 5.61 -7.23
CA LEU A 83 -2.47 5.73 -8.39
C LEU A 83 -1.81 7.09 -8.36
N ILE A 84 -0.47 7.13 -8.39
CA ILE A 84 0.27 8.40 -8.50
C ILE A 84 0.33 8.77 -9.98
N LYS A 85 -0.43 9.80 -10.35
CA LYS A 85 -0.60 10.14 -11.77
C LYS A 85 0.72 10.28 -12.55
N GLN A 86 1.65 11.04 -11.98
CA GLN A 86 2.82 11.47 -12.74
C GLN A 86 3.82 10.34 -12.94
N THR A 87 3.93 9.43 -11.98
CA THR A 87 4.91 8.34 -12.01
C THR A 87 4.34 6.98 -12.36
N GLY A 88 3.01 6.82 -12.22
CA GLY A 88 2.36 5.55 -12.47
C GLY A 88 2.47 4.56 -11.32
N LEU A 89 3.05 4.99 -10.19
CA LEU A 89 3.13 4.11 -9.02
C LEU A 89 1.74 3.79 -8.53
N LYS A 90 1.52 2.51 -8.20
CA LYS A 90 0.25 2.02 -7.66
C LYS A 90 0.52 1.51 -6.25
N ILE A 91 -0.27 1.97 -5.27
CA ILE A 91 -0.11 1.56 -3.88
C ILE A 91 -1.41 0.89 -3.47
N VAL A 92 -1.33 -0.26 -2.83
CA VAL A 92 -2.52 -0.97 -2.39
C VAL A 92 -2.32 -1.37 -0.94
N ILE A 93 -3.28 -1.02 -0.09
CA ILE A 93 -3.20 -1.32 1.32
C ILE A 93 -4.52 -1.86 1.84
N GLY A 94 -4.44 -2.98 2.54
CA GLY A 94 -5.58 -3.61 3.14
C GLY A 94 -5.57 -3.44 4.64
N PHE A 95 -6.75 -3.24 5.21
CA PHE A 95 -6.93 -3.13 6.66
C PHE A 95 -7.99 -4.12 7.13
N GLU A 96 -7.99 -4.40 8.43
CA GLU A 96 -9.02 -5.24 9.02
C GLU A 96 -10.33 -4.46 9.05
N GLN A 97 -11.30 -4.94 8.29
CA GLN A 97 -12.56 -4.24 8.07
C GLN A 97 -13.35 -3.97 9.34
N LYS A 98 -13.42 -4.94 10.25
CA LYS A 98 -14.22 -4.77 11.47
C LYS A 98 -13.60 -3.75 12.45
N SER A 99 -12.32 -3.44 12.28
CA SER A 99 -11.63 -2.43 13.11
C SER A 99 -11.86 -1.00 12.63
N LEU A 100 -12.43 -0.84 11.44
CA LEU A 100 -12.59 0.49 10.84
C LEU A 100 -13.88 1.16 11.32
N SER A 101 -13.76 2.42 11.72
CA SER A 101 -14.89 3.25 12.15
C SER A 101 -15.60 3.97 11.01
N GLY A 102 -14.84 4.28 9.96
CA GLY A 102 -15.35 5.07 8.85
C GLY A 102 -15.37 6.57 9.14
N ALA A 103 -14.74 6.99 10.24
CA ALA A 103 -14.73 8.41 10.64
C ALA A 103 -13.82 9.22 9.72
N ASP A 104 -14.09 10.51 9.60
CA ASP A 104 -13.22 11.38 8.80
C ASP A 104 -11.77 11.29 9.23
N ASP A 105 -11.51 11.29 10.54
CA ASP A 105 -10.12 11.23 11.05
CA ASP A 105 -10.13 11.22 11.06
C ASP A 105 -9.43 9.94 10.65
N GLU A 106 -10.19 8.85 10.55
CA GLU A 106 -9.63 7.56 10.13
C GLU A 106 -9.23 7.59 8.66
N PHE A 107 -10.08 8.15 7.80
CA PHE A 107 -9.67 8.30 6.39
C PHE A 107 -8.44 9.20 6.25
N GLU A 108 -8.38 10.29 7.02
CA GLU A 108 -7.18 11.12 7.02
C GLU A 108 -5.92 10.32 7.47
N ALA A 109 -6.06 9.50 8.51
CA ALA A 109 -4.97 8.61 8.95
C ALA A 109 -4.56 7.61 7.86
N ILE A 110 -5.53 7.05 7.16
CA ILE A 110 -5.23 6.09 6.09
C ILE A 110 -4.45 6.78 4.97
N ASN A 111 -4.91 7.97 4.60
CA ASN A 111 -4.20 8.79 3.63
C ASN A 111 -2.76 9.07 4.06
N GLN A 112 -2.56 9.37 5.34
CA GLN A 112 -1.19 9.59 5.86
CA GLN A 112 -1.19 9.60 5.85
C GLN A 112 -0.32 8.34 5.70
N ILE A 113 -0.87 7.17 5.95
CA ILE A 113 -0.15 5.92 5.76
C ILE A 113 0.26 5.77 4.29
N PHE A 114 -0.62 6.11 3.34
CA PHE A 114 -0.27 6.03 1.92
C PHE A 114 0.89 6.98 1.59
N GLU A 115 0.80 8.20 2.12
CA GLU A 115 1.87 9.18 1.92
C GLU A 115 3.21 8.70 2.51
N THR A 116 3.17 8.09 3.70
CA THR A 116 4.37 7.63 4.38
C THR A 116 5.01 6.46 3.61
N VAL A 117 4.16 5.54 3.16
CA VAL A 117 4.64 4.39 2.35
C VAL A 117 5.32 4.89 1.07
N ARG A 118 4.74 5.88 0.43
CA ARG A 118 5.32 6.43 -0.80
C ARG A 118 6.68 7.08 -0.55
N LYS A 119 6.76 7.87 0.52
CA LYS A 119 8.02 8.54 0.88
C LYS A 119 9.11 7.54 1.18
N ILE A 120 8.74 6.50 1.94
CA ILE A 120 9.68 5.45 2.29
C ILE A 120 10.18 4.80 1.01
N TYR A 121 9.28 4.48 0.08
CA TYR A 121 9.67 3.88 -1.20
C TYR A 121 10.65 4.77 -1.99
N ILE A 122 10.38 6.06 -2.07
CA ILE A 122 11.22 6.98 -2.81
C ILE A 122 12.61 7.05 -2.15
N ARG A 123 12.62 7.06 -0.82
CA ARG A 123 13.87 7.14 -0.05
C ARG A 123 14.70 5.86 -0.19
N VAL A 124 14.06 4.70 -0.35
CA VAL A 124 14.76 3.42 -0.53
C VAL A 124 15.33 3.30 -1.94
N LYS A 125 14.48 3.54 -2.95
CA LYS A 125 14.92 3.33 -4.35
C LYS A 125 15.99 4.38 -4.74
N CYS A 126 15.96 5.56 -4.11
CA CYS A 126 16.98 6.60 -4.32
C CYS A 126 17.96 6.73 -3.16
N ASN A 127 18.11 5.67 -2.36
CA ASN A 127 19.09 5.65 -1.30
C ASN A 127 20.49 5.74 -1.94
N PRO A 128 21.41 6.53 -1.33
CA PRO A 128 22.71 6.78 -1.96
C PRO A 128 23.50 5.51 -2.30
N LEU A 129 23.31 4.43 -1.53
CA LEU A 129 23.90 3.10 -1.84
C LEU A 129 22.99 2.21 -2.69
N LEU A 130 21.75 2.05 -2.30
CA LEU A 130 20.86 1.08 -2.96
C LEU A 130 20.53 1.45 -4.38
N VAL A 131 20.64 2.73 -4.71
CA VAL A 131 20.32 3.17 -6.07
C VAL A 131 21.16 2.46 -7.12
N SER A 132 22.39 2.08 -6.77
CA SER A 132 23.33 1.43 -7.68
C SER A 132 23.39 -0.10 -7.47
N GLY A 133 22.50 -0.63 -6.65
CA GLY A 133 22.49 -2.04 -6.29
C GLY A 133 21.33 -2.78 -6.93
N ASP A 134 21.21 -4.05 -6.60
CA ASP A 134 20.18 -4.88 -7.21
C ASP A 134 18.80 -4.73 -6.60
N GLU A 135 17.81 -5.23 -7.32
CA GLU A 135 16.43 -5.18 -6.88
C GLU A 135 16.20 -5.88 -5.52
N LYS A 136 16.85 -7.01 -5.35
CA LYS A 136 16.73 -7.81 -4.11
C LYS A 136 17.09 -6.98 -2.86
N SER A 137 18.14 -6.17 -2.97
CA SER A 137 18.58 -5.31 -1.87
C SER A 137 17.57 -4.19 -1.58
N ILE A 138 16.99 -3.61 -2.61
CA ILE A 138 15.93 -2.62 -2.43
C ILE A 138 14.70 -3.26 -1.74
N ILE A 139 14.32 -4.46 -2.16
CA ILE A 139 13.17 -5.14 -1.56
C ILE A 139 13.46 -5.40 -0.09
N LYS A 140 14.65 -5.88 0.21
CA LYS A 140 15.02 -6.17 1.60
C LYS A 140 14.97 -4.93 2.47
N SER A 141 15.42 -3.80 1.93
CA SER A 141 15.38 -2.55 2.65
C SER A 141 13.96 -2.05 2.86
N LEU A 142 13.13 -2.15 1.82
CA LEU A 142 11.74 -1.76 1.94
C LEU A 142 11.04 -2.52 3.07
N GLU A 143 11.25 -3.84 3.11
CA GLU A 143 10.67 -4.69 4.14
C GLU A 143 11.05 -4.28 5.54
N ARG A 144 12.32 -3.95 5.75
CA ARG A 144 12.76 -3.52 7.07
C ARG A 144 12.20 -2.13 7.45
N LYS A 145 12.09 -1.23 6.47
CA LYS A 145 11.51 0.09 6.72
C LYS A 145 10.02 -0.04 7.05
N PHE A 146 9.35 -0.94 6.37
CA PHE A 146 7.94 -1.17 6.63
C PHE A 146 7.76 -1.88 8.00
N ASP A 147 8.65 -2.81 8.31
CA ASP A 147 8.64 -3.43 9.66
C ASP A 147 8.72 -2.39 10.76
N GLU A 148 9.63 -1.42 10.62
CA GLU A 148 9.77 -0.36 11.64
C GLU A 148 8.46 0.41 11.88
N LEU A 149 7.64 0.50 10.83
CA LEU A 149 6.35 1.19 10.90
C LEU A 149 5.22 0.28 11.36
N PHE A 150 5.20 -0.95 10.85
CA PHE A 150 3.99 -1.75 10.84
C PHE A 150 4.00 -3.01 11.69
N ILE A 151 5.18 -3.56 11.97
CA ILE A 151 5.26 -4.85 12.65
C ILE A 151 4.78 -4.68 14.08
N SER A 152 4.03 -5.66 14.58
CA SER A 152 3.56 -5.60 15.96
C SER A 152 4.69 -6.04 16.87
N THR A 153 4.86 -5.32 17.97
CA THR A 153 5.96 -5.59 18.88
C THR A 153 5.64 -6.82 19.71
N GLU A 154 6.64 -7.34 20.41
CA GLU A 154 6.40 -8.47 21.30
C GLU A 154 5.32 -8.07 22.31
N VAL A 155 5.44 -6.86 22.84
CA VAL A 155 4.51 -6.34 23.85
C VAL A 155 3.09 -6.23 23.30
N GLU A 156 2.96 -5.75 22.07
CA GLU A 156 1.64 -5.63 21.45
C GLU A 156 0.99 -7.01 21.23
N LEU A 157 1.79 -7.99 20.84
CA LEU A 157 1.29 -9.35 20.59
C LEU A 157 0.78 -10.06 21.84
N LEU A 158 1.44 -9.81 22.96
CA LEU A 158 1.08 -10.43 24.24
C LEU A 158 -0.18 -9.83 24.86
N ALA A 159 -0.50 -8.58 24.49
CA ALA A 159 -1.69 -7.89 24.99
C ALA A 159 -2.95 -8.41 24.31
CL CL B . 6.05 7.99 -6.96
C1 GOL C . -7.08 3.01 -18.09
O1 GOL C . -8.45 3.39 -18.07
C2 GOL C . -6.92 1.63 -18.72
O2 GOL C . -8.17 0.97 -18.77
C3 GOL C . -5.94 0.80 -17.91
O3 GOL C . -4.69 1.43 -17.86
#